data_3E6H
#
_entry.id   3E6H
#
_cell.length_a   42.702
_cell.length_b   90.958
_cell.length_c   129.218
_cell.angle_alpha   90.00
_cell.angle_beta   90.00
_cell.angle_gamma   90.00
#
_symmetry.space_group_name_H-M   'P 21 21 21'
#
loop_
_entity.id
_entity.type
_entity.pdbx_description
1 polymer 'H-2 class I histocompatibility antigen, D-D alpha chain'
2 polymer 'Putative uncharacterized protein'
3 polymer 'Envelope glycoprotein 10-residue peptide'
4 water water
#
loop_
_entity_poly.entity_id
_entity_poly.type
_entity_poly.pdbx_seq_one_letter_code
_entity_poly.pdbx_strand_id
1 'polypeptide(L)'
;MSHSLRYFVTAVSRPGFGEPRYMEVGYVDNTEFVRFDSDAENPRYEPRARWIEQEGPEYWERETRRAKGNEQSFRVDLRT
ALRYYNQSAGGSHTLQWMAGCDVESDGRLLRGYWQFAYDGCDYIALNEDLKTWTAADMAAQITRRKWEQAGAAERDRAYL
EGECVEWLRRYLKNGNATLLRTDPPKAHVTHHRRPEGDVTLRCWALGFYPADITLTWQLNGEELTQEMELVETRPARDGT
FQKWASVVVPLGKEQKYTCHVEHEGLPEPLTLRWG
;
A
2 'polypeptide(L)'
;MIQKTPQIQVYSRHPPENGKPNILNCYVTQFHPPHIEIQMLKNGKKIPKVEMSDMSFSKDWSFYILAHTEFTPTETDTYA
CRVKHASMAEPKTVYWDRDM
;
B
3 'polypeptide(L)' IGPGRAFYTI P
#
# COMPACT_ATOMS: atom_id res chain seq x y z
N SER A 2 14.30 -10.90 -9.23
CA SER A 2 14.32 -9.41 -9.12
C SER A 2 13.85 -8.94 -7.74
N HIS A 3 14.45 -7.86 -7.27
CA HIS A 3 14.08 -7.29 -5.97
C HIS A 3 14.07 -5.77 -6.07
N SER A 4 13.39 -5.11 -5.14
CA SER A 4 13.31 -3.66 -5.18
C SER A 4 13.42 -2.98 -3.83
N LEU A 5 13.92 -1.75 -3.88
CA LEU A 5 14.05 -0.90 -2.71
C LEU A 5 13.32 0.36 -3.19
N ARG A 6 12.25 0.71 -2.48
CA ARG A 6 11.44 1.88 -2.85
C ARG A 6 10.97 2.68 -1.65
N TYR A 7 10.92 3.98 -1.86
CA TYR A 7 10.48 4.91 -0.83
C TYR A 7 9.28 5.69 -1.36
N PHE A 8 8.23 5.75 -0.56
CA PHE A 8 7.01 6.47 -0.91
C PHE A 8 6.90 7.65 0.04
N VAL A 9 6.93 8.85 -0.53
CA VAL A 9 6.91 10.08 0.23
C VAL A 9 5.69 10.94 -0.03
N THR A 10 5.13 11.51 1.04
CA THR A 10 3.96 12.36 0.92
C THR A 10 4.03 13.62 1.78
N ALA A 11 3.68 14.76 1.20
CA ALA A 11 3.64 16.04 1.89
C ALA A 11 2.24 16.61 1.64
N VAL A 12 1.51 16.85 2.71
CA VAL A 12 0.15 17.38 2.60
C VAL A 12 0.00 18.64 3.43
N SER A 13 -0.29 19.76 2.76
CA SER A 13 -0.46 21.03 3.45
C SER A 13 -1.82 21.06 4.15
N ARG A 14 -1.93 21.89 5.17
CA ARG A 14 -3.18 22.00 5.92
C ARG A 14 -3.25 23.38 6.55
N PRO A 15 -3.43 24.41 5.71
CA PRO A 15 -3.51 25.81 6.17
C PRO A 15 -4.42 25.95 7.39
N GLY A 16 -3.91 26.59 8.43
CA GLY A 16 -4.70 26.79 9.63
C GLY A 16 -4.54 25.66 10.64
N PHE A 17 -3.93 24.57 10.21
CA PHE A 17 -3.74 23.43 11.10
C PHE A 17 -2.27 23.10 11.34
N GLY A 18 -1.39 24.01 10.94
CA GLY A 18 0.03 23.78 11.15
C GLY A 18 0.80 23.48 9.89
N GLU A 19 2.09 23.21 10.05
CA GLU A 19 2.98 22.89 8.94
C GLU A 19 2.48 21.63 8.23
N PRO A 20 2.79 21.49 6.93
CA PRO A 20 2.35 20.32 6.17
C PRO A 20 2.73 19.00 6.84
N ARG A 21 1.87 18.01 6.75
CA ARG A 21 2.21 16.71 7.30
C ARG A 21 3.20 16.09 6.32
N TYR A 22 4.25 15.49 6.85
CA TYR A 22 5.26 14.88 5.98
C TYR A 22 5.49 13.43 6.36
N MET A 23 5.49 12.56 5.36
CA MET A 23 5.67 11.13 5.60
C MET A 23 6.57 10.42 4.59
N GLU A 24 7.30 9.43 5.08
CA GLU A 24 8.14 8.61 4.22
C GLU A 24 7.94 7.17 4.66
N VAL A 25 7.82 6.26 3.70
CA VAL A 25 7.68 4.84 4.00
C VAL A 25 8.61 4.08 3.06
N GLY A 26 9.46 3.23 3.64
CA GLY A 26 10.39 2.48 2.83
C GLY A 26 10.02 1.01 2.74
N TYR A 27 10.15 0.44 1.54
CA TYR A 27 9.83 -0.96 1.27
C TYR A 27 10.95 -1.72 0.55
N VAL A 28 11.06 -2.99 0.90
CA VAL A 28 11.99 -3.90 0.24
C VAL A 28 10.96 -4.86 -0.33
N ASP A 29 10.83 -4.86 -1.66
CA ASP A 29 9.83 -5.65 -2.33
C ASP A 29 8.46 -5.16 -1.87
N ASN A 30 7.63 -6.03 -1.31
CA ASN A 30 6.30 -5.57 -0.87
C ASN A 30 6.19 -5.47 0.65
N THR A 31 7.33 -5.35 1.31
CA THR A 31 7.32 -5.28 2.77
C THR A 31 7.93 -3.99 3.30
N GLU A 32 7.14 -3.26 4.08
CA GLU A 32 7.61 -2.01 4.70
C GLU A 32 8.65 -2.36 5.74
N PHE A 33 9.72 -1.57 5.85
CA PHE A 33 10.75 -1.83 6.85
C PHE A 33 11.14 -0.59 7.65
N VAL A 34 10.78 0.59 7.13
CA VAL A 34 11.06 1.85 7.83
C VAL A 34 9.99 2.87 7.48
N ARG A 35 9.86 3.87 8.34
CA ARG A 35 8.88 4.93 8.11
C ARG A 35 9.25 6.18 8.89
N PHE A 36 8.73 7.30 8.41
CA PHE A 36 8.90 8.60 9.03
C PHE A 36 7.56 9.32 8.93
N ASP A 37 7.13 9.95 10.01
CA ASP A 37 5.88 10.69 10.04
C ASP A 37 6.05 11.90 10.94
N SER A 38 5.87 13.09 10.37
CA SER A 38 6.03 14.33 11.12
C SER A 38 5.05 14.45 12.29
N ASP A 39 3.96 13.69 12.22
CA ASP A 39 2.93 13.74 13.27
C ASP A 39 3.06 12.63 14.30
N ALA A 40 4.07 11.77 14.17
CA ALA A 40 4.24 10.66 15.10
C ALA A 40 4.63 11.15 16.50
N GLU A 41 4.43 10.29 17.49
CA GLU A 41 4.77 10.62 18.87
C GLU A 41 6.21 11.10 18.91
N ASN A 42 7.08 10.41 18.18
CA ASN A 42 8.49 10.79 18.09
C ASN A 42 8.84 10.89 16.61
N PRO A 43 8.72 12.10 16.04
CA PRO A 43 9.01 12.37 14.62
C PRO A 43 10.44 12.13 14.18
N ARG A 44 10.76 10.87 13.87
CA ARG A 44 12.08 10.53 13.37
C ARG A 44 11.99 9.19 12.65
N TYR A 45 13.07 8.76 12.02
CA TYR A 45 13.02 7.50 11.29
C TYR A 45 12.88 6.32 12.23
N GLU A 46 11.95 5.43 11.92
CA GLU A 46 11.68 4.27 12.77
C GLU A 46 11.66 2.94 12.03
N PRO A 47 12.17 1.87 12.67
CA PRO A 47 12.17 0.55 12.04
C PRO A 47 10.74 0.02 12.04
N ARG A 48 10.43 -0.84 11.08
CA ARG A 48 9.10 -1.42 10.98
C ARG A 48 9.23 -2.91 10.71
N ALA A 49 10.44 -3.42 10.93
CA ALA A 49 10.76 -4.83 10.74
C ALA A 49 11.98 -5.09 11.63
N ARG A 50 11.99 -6.24 12.29
CA ARG A 50 13.09 -6.60 13.19
C ARG A 50 14.48 -6.58 12.57
N TRP A 51 14.61 -7.11 11.36
CA TRP A 51 15.91 -7.16 10.71
C TRP A 51 16.62 -5.83 10.50
N ILE A 52 15.88 -4.74 10.36
CA ILE A 52 16.51 -3.44 10.15
C ILE A 52 16.94 -2.83 11.48
N GLU A 53 16.38 -3.33 12.57
CA GLU A 53 16.72 -2.83 13.90
C GLU A 53 18.18 -3.09 14.24
N GLN A 54 18.80 -4.04 13.53
CA GLN A 54 20.22 -4.34 13.77
C GLN A 54 21.13 -3.22 13.31
N GLU A 55 20.57 -2.21 12.63
CA GLU A 55 21.34 -1.07 12.18
C GLU A 55 21.68 -0.19 13.38
N GLY A 56 22.91 0.30 13.42
CA GLY A 56 23.35 1.15 14.52
C GLY A 56 22.63 2.49 14.61
N PRO A 57 22.94 3.29 15.64
CA PRO A 57 22.32 4.60 15.83
C PRO A 57 22.66 5.59 14.70
N GLU A 58 23.86 5.49 14.17
CA GLU A 58 24.30 6.35 13.08
C GLU A 58 23.31 6.27 11.93
N TYR A 59 22.80 5.08 11.68
CA TYR A 59 21.84 4.86 10.60
C TYR A 59 20.55 5.62 10.84
N TRP A 60 20.01 5.51 12.05
CA TRP A 60 18.77 6.18 12.37
C TRP A 60 18.89 7.70 12.42
N GLU A 61 20.01 8.21 12.94
CA GLU A 61 20.19 9.66 13.01
C GLU A 61 20.41 10.23 11.61
N ARG A 62 21.12 9.48 10.78
CA ARG A 62 21.40 9.89 9.41
C ARG A 62 20.11 9.93 8.56
N GLU A 63 19.31 8.87 8.63
CA GLU A 63 18.06 8.82 7.88
C GLU A 63 17.10 9.87 8.42
N THR A 64 17.13 10.08 9.74
CA THR A 64 16.26 11.09 10.34
C THR A 64 16.62 12.47 9.78
N ARG A 65 17.93 12.75 9.67
CA ARG A 65 18.37 14.03 9.15
C ARG A 65 17.95 14.18 7.69
N ARG A 66 18.09 13.12 6.92
CA ARG A 66 17.71 13.14 5.52
C ARG A 66 16.21 13.45 5.40
N ALA A 67 15.40 12.77 6.21
CA ALA A 67 13.95 12.96 6.20
C ALA A 67 13.55 14.41 6.53
N LYS A 68 14.15 14.96 7.58
CA LYS A 68 13.83 16.33 7.97
C LYS A 68 14.30 17.32 6.92
N GLY A 69 15.39 16.98 6.23
CA GLY A 69 15.88 17.85 5.17
C GLY A 69 14.89 17.81 4.01
N ASN A 70 14.37 16.62 3.71
CA ASN A 70 13.39 16.45 2.63
C ASN A 70 12.11 17.21 2.96
N GLU A 71 11.71 17.13 4.22
CA GLU A 71 10.51 17.81 4.70
C GLU A 71 10.59 19.31 4.40
N GLN A 72 11.74 19.93 4.64
CA GLN A 72 11.91 21.36 4.40
C GLN A 72 11.81 21.65 2.91
N SER A 73 12.39 20.75 2.11
CA SER A 73 12.36 20.89 0.66
C SER A 73 10.90 20.83 0.17
N PHE A 74 10.13 19.89 0.70
CA PHE A 74 8.74 19.75 0.29
C PHE A 74 7.87 20.92 0.75
N ARG A 75 8.23 21.55 1.87
CA ARG A 75 7.45 22.70 2.35
C ARG A 75 7.61 23.81 1.32
N VAL A 76 8.84 23.99 0.87
CA VAL A 76 9.13 25.00 -0.14
C VAL A 76 8.40 24.66 -1.43
N ASP A 77 8.44 23.39 -1.82
CA ASP A 77 7.78 22.93 -3.04
C ASP A 77 6.27 23.15 -3.04
N LEU A 78 5.64 22.95 -1.89
CA LEU A 78 4.19 23.16 -1.79
C LEU A 78 3.86 24.63 -2.02
N ARG A 79 4.70 25.53 -1.51
CA ARG A 79 4.47 26.96 -1.70
C ARG A 79 4.66 27.34 -3.18
N THR A 80 5.74 26.85 -3.77
CA THR A 80 6.03 27.13 -5.16
C THR A 80 4.87 26.67 -6.04
N ALA A 81 4.41 25.45 -5.82
CA ALA A 81 3.31 24.87 -6.58
C ALA A 81 2.07 25.77 -6.58
N LEU A 82 1.76 26.38 -5.45
CA LEU A 82 0.62 27.29 -5.40
C LEU A 82 0.84 28.37 -6.47
N ARG A 83 2.08 28.86 -6.55
CA ARG A 83 2.44 29.88 -7.52
C ARG A 83 2.35 29.38 -8.96
N TYR A 84 2.88 28.18 -9.23
CA TYR A 84 2.85 27.64 -10.59
C TYR A 84 1.41 27.46 -11.06
N TYR A 85 0.54 27.03 -10.16
CA TYR A 85 -0.85 26.79 -10.53
C TYR A 85 -1.75 27.96 -10.16
N ASN A 86 -1.17 28.99 -9.56
CA ASN A 86 -1.92 30.17 -9.15
C ASN A 86 -3.20 29.78 -8.40
N GLN A 87 -3.03 29.02 -7.32
CA GLN A 87 -4.15 28.57 -6.51
C GLN A 87 -4.22 29.39 -5.24
N SER A 88 -5.36 29.33 -4.56
CA SER A 88 -5.57 30.05 -3.31
C SER A 88 -4.67 29.46 -2.23
N ALA A 89 -4.24 30.30 -1.30
CA ALA A 89 -3.34 29.87 -0.23
C ALA A 89 -4.04 29.25 0.99
N GLY A 90 -5.36 29.15 0.93
CA GLY A 90 -6.09 28.59 2.07
C GLY A 90 -6.48 27.12 1.96
N GLY A 91 -6.19 26.50 0.83
CA GLY A 91 -6.56 25.11 0.64
C GLY A 91 -5.44 24.09 0.86
N SER A 92 -5.84 22.84 1.05
CA SER A 92 -4.90 21.76 1.25
C SER A 92 -4.46 21.18 -0.09
N HIS A 93 -3.17 20.87 -0.19
CA HIS A 93 -2.61 20.29 -1.41
C HIS A 93 -1.65 19.17 -1.08
N THR A 94 -1.39 18.32 -2.06
CA THR A 94 -0.52 17.17 -1.84
C THR A 94 0.58 17.04 -2.87
N LEU A 95 1.75 16.65 -2.39
CA LEU A 95 2.88 16.42 -3.27
C LEU A 95 3.34 15.02 -2.93
N GLN A 96 3.47 14.18 -3.95
CA GLN A 96 3.90 12.80 -3.75
C GLN A 96 5.16 12.51 -4.54
N TRP A 97 6.00 11.65 -3.97
CA TRP A 97 7.27 11.27 -4.57
C TRP A 97 7.58 9.80 -4.31
N MET A 98 8.02 9.11 -5.35
CA MET A 98 8.37 7.71 -5.23
C MET A 98 9.69 7.53 -5.95
N ALA A 99 10.66 6.97 -5.24
CA ALA A 99 11.97 6.73 -5.81
C ALA A 99 12.46 5.37 -5.36
N GLY A 100 13.36 4.78 -6.13
CA GLY A 100 13.86 3.47 -5.77
C GLY A 100 14.49 2.74 -6.92
N CYS A 101 14.90 1.51 -6.67
CA CYS A 101 15.55 0.72 -7.69
C CYS A 101 15.09 -0.74 -7.74
N ASP A 102 14.97 -1.26 -8.95
CA ASP A 102 14.64 -2.67 -9.16
C ASP A 102 15.98 -3.26 -9.55
N VAL A 103 16.40 -4.31 -8.87
CA VAL A 103 17.69 -4.92 -9.16
C VAL A 103 17.55 -6.35 -9.65
N GLU A 104 18.33 -6.67 -10.67
CA GLU A 104 18.34 -7.99 -11.28
C GLU A 104 18.61 -9.07 -10.25
N SER A 105 18.25 -10.30 -10.59
CA SER A 105 18.46 -11.43 -9.70
C SER A 105 19.90 -11.44 -9.18
N ASP A 106 20.78 -10.76 -9.90
CA ASP A 106 22.20 -10.69 -9.51
C ASP A 106 22.69 -9.25 -9.39
N GLY A 107 22.35 -8.61 -8.27
CA GLY A 107 22.76 -7.24 -8.01
C GLY A 107 22.98 -6.30 -9.18
N ARG A 108 22.23 -6.49 -10.26
CA ARG A 108 22.37 -5.62 -11.43
C ARG A 108 21.13 -4.74 -11.54
N LEU A 109 21.34 -3.43 -11.56
CA LEU A 109 20.23 -2.48 -11.66
C LEU A 109 19.39 -2.75 -12.91
N LEU A 110 18.08 -2.83 -12.73
CA LEU A 110 17.16 -3.05 -13.84
C LEU A 110 16.49 -1.76 -14.24
N ARG A 111 15.98 -1.03 -13.25
CA ARG A 111 15.29 0.21 -13.50
C ARG A 111 15.38 1.13 -12.29
N GLY A 112 15.38 2.44 -12.56
CA GLY A 112 15.43 3.42 -11.50
C GLY A 112 14.18 4.27 -11.55
N TYR A 113 13.65 4.65 -10.38
CA TYR A 113 12.45 5.47 -10.32
C TYR A 113 12.74 6.72 -9.51
N TRP A 114 12.07 7.82 -9.88
CA TRP A 114 12.24 9.11 -9.21
C TRP A 114 11.18 9.99 -9.86
N GLN A 115 9.97 9.92 -9.32
CA GLN A 115 8.86 10.65 -9.91
C GLN A 115 7.94 11.31 -8.89
N PHE A 116 7.29 12.38 -9.34
CA PHE A 116 6.40 13.18 -8.49
C PHE A 116 5.02 13.36 -9.07
N ALA A 117 4.09 13.70 -8.18
CA ALA A 117 2.70 13.96 -8.52
C ALA A 117 2.24 15.11 -7.63
N TYR A 118 1.39 15.98 -8.17
CA TYR A 118 0.86 17.11 -7.41
C TYR A 118 -0.66 16.99 -7.45
N ASP A 119 -1.28 17.02 -6.28
CA ASP A 119 -2.73 16.87 -6.15
C ASP A 119 -3.21 15.62 -6.87
N GLY A 120 -2.48 14.52 -6.69
CA GLY A 120 -2.85 13.26 -7.29
C GLY A 120 -2.62 13.06 -8.78
N CYS A 121 -1.94 13.99 -9.45
CA CYS A 121 -1.68 13.84 -10.88
C CYS A 121 -0.18 13.90 -11.17
N ASP A 122 0.26 13.15 -12.19
CA ASP A 122 1.67 13.13 -12.58
C ASP A 122 2.18 14.57 -12.69
N TYR A 123 3.38 14.81 -12.19
CA TYR A 123 3.95 16.16 -12.27
C TYR A 123 5.21 16.05 -13.12
N ILE A 124 6.22 15.39 -12.59
CA ILE A 124 7.46 15.21 -13.31
C ILE A 124 8.07 13.85 -12.94
N ALA A 125 8.70 13.19 -13.91
CA ALA A 125 9.31 11.89 -13.67
C ALA A 125 10.61 11.71 -14.45
N LEU A 126 11.59 11.09 -13.80
CA LEU A 126 12.89 10.82 -14.41
C LEU A 126 12.73 9.65 -15.37
N ASN A 127 13.12 9.84 -16.63
CA ASN A 127 12.97 8.79 -17.63
C ASN A 127 13.88 7.60 -17.35
N GLU A 128 13.65 6.51 -18.08
CA GLU A 128 14.41 5.28 -17.91
C GLU A 128 15.93 5.43 -18.12
N ASP A 129 16.34 6.40 -18.93
CA ASP A 129 17.78 6.59 -19.15
C ASP A 129 18.40 7.22 -17.91
N LEU A 130 17.54 7.71 -17.02
CA LEU A 130 17.96 8.35 -15.78
C LEU A 130 18.75 9.62 -16.06
N LYS A 131 18.50 10.20 -17.23
CA LYS A 131 19.21 11.42 -17.61
C LYS A 131 18.28 12.55 -18.00
N THR A 132 17.06 12.20 -18.40
CA THR A 132 16.08 13.20 -18.83
C THR A 132 14.76 13.12 -18.07
N TRP A 133 14.00 14.21 -18.10
CA TRP A 133 12.72 14.28 -17.39
C TRP A 133 11.52 14.40 -18.31
N THR A 134 10.40 13.84 -17.85
CA THR A 134 9.13 13.91 -18.56
C THR A 134 8.22 14.76 -17.67
N ALA A 135 7.85 15.95 -18.14
CA ALA A 135 6.96 16.85 -17.41
C ALA A 135 5.56 16.63 -17.96
N ALA A 136 4.59 16.46 -17.07
CA ALA A 136 3.21 16.20 -17.46
C ALA A 136 2.39 17.43 -17.84
N ASP A 137 2.87 18.62 -17.49
CA ASP A 137 2.13 19.83 -17.82
C ASP A 137 2.99 21.09 -17.82
N MET A 138 2.32 22.21 -18.07
CA MET A 138 2.95 23.53 -18.12
C MET A 138 3.87 23.80 -16.92
N ALA A 139 3.32 23.69 -15.71
CA ALA A 139 4.09 23.94 -14.50
C ALA A 139 5.33 23.03 -14.38
N ALA A 140 5.13 21.74 -14.63
CA ALA A 140 6.22 20.77 -14.55
C ALA A 140 7.32 21.10 -15.56
N GLN A 141 6.96 21.78 -16.65
CA GLN A 141 7.93 22.15 -17.66
C GLN A 141 8.89 23.16 -17.05
N ILE A 142 8.38 23.99 -16.15
CA ILE A 142 9.21 24.98 -15.49
C ILE A 142 10.20 24.27 -14.58
N THR A 143 9.72 23.27 -13.85
CA THR A 143 10.59 22.53 -12.94
C THR A 143 11.65 21.78 -13.74
N ARG A 144 11.25 21.20 -14.87
CA ARG A 144 12.18 20.47 -15.71
C ARG A 144 13.33 21.35 -16.20
N ARG A 145 13.01 22.54 -16.69
CA ARG A 145 14.05 23.44 -17.17
C ARG A 145 15.03 23.74 -16.03
N LYS A 146 14.51 24.00 -14.84
CA LYS A 146 15.37 24.29 -13.70
C LYS A 146 16.26 23.10 -13.35
N TRP A 147 15.70 21.89 -13.39
CA TRP A 147 16.48 20.71 -13.05
C TRP A 147 17.53 20.36 -14.09
N GLU A 148 17.26 20.70 -15.35
CA GLU A 148 18.22 20.44 -16.42
C GLU A 148 19.38 21.41 -16.22
N GLN A 149 19.05 22.67 -15.93
CA GLN A 149 20.08 23.68 -15.72
C GLN A 149 20.85 23.43 -14.43
N ALA A 150 20.19 22.88 -13.42
CA ALA A 150 20.84 22.61 -12.13
C ALA A 150 21.59 21.28 -12.13
N GLY A 151 21.25 20.40 -13.05
CA GLY A 151 21.90 19.10 -13.11
C GLY A 151 21.35 18.14 -12.06
N ALA A 152 20.06 18.24 -11.78
CA ALA A 152 19.41 17.38 -10.79
C ALA A 152 19.54 15.88 -11.10
N ALA A 153 19.23 15.50 -12.33
CA ALA A 153 19.27 14.10 -12.76
C ALA A 153 20.57 13.37 -12.42
N GLU A 154 21.69 14.06 -12.65
CA GLU A 154 23.02 13.51 -12.39
C GLU A 154 23.12 13.03 -10.95
N ARG A 155 22.81 13.90 -10.01
CA ARG A 155 22.89 13.54 -8.60
C ARG A 155 21.83 12.49 -8.23
N ASP A 156 20.64 12.62 -8.79
CA ASP A 156 19.57 11.68 -8.49
C ASP A 156 19.94 10.28 -9.00
N ARG A 157 20.53 10.21 -10.18
CA ARG A 157 20.95 8.95 -10.78
C ARG A 157 22.02 8.29 -9.92
N ALA A 158 22.90 9.09 -9.33
CA ALA A 158 23.97 8.57 -8.49
C ALA A 158 23.39 7.79 -7.32
N TYR A 159 22.26 8.26 -6.79
CA TYR A 159 21.60 7.56 -5.70
C TYR A 159 21.06 6.23 -6.19
N LEU A 160 20.29 6.27 -7.27
CA LEU A 160 19.67 5.09 -7.84
C LEU A 160 20.67 4.00 -8.22
N GLU A 161 21.75 4.39 -8.90
CA GLU A 161 22.75 3.42 -9.34
C GLU A 161 23.76 3.06 -8.26
N GLY A 162 23.89 3.90 -7.24
CA GLY A 162 24.85 3.62 -6.19
C GLY A 162 24.22 3.20 -4.88
N GLU A 163 23.91 4.18 -4.04
CA GLU A 163 23.30 3.91 -2.74
C GLU A 163 22.12 2.97 -2.76
N CYS A 164 21.15 3.23 -3.63
CA CYS A 164 19.95 2.40 -3.70
C CYS A 164 20.30 0.94 -3.94
N VAL A 165 21.18 0.69 -4.90
CA VAL A 165 21.59 -0.66 -5.23
C VAL A 165 22.41 -1.32 -4.12
N GLU A 166 23.39 -0.59 -3.59
CA GLU A 166 24.25 -1.15 -2.56
C GLU A 166 23.52 -1.44 -1.27
N TRP A 167 22.63 -0.55 -0.85
CA TRP A 167 21.90 -0.78 0.38
C TRP A 167 20.90 -1.92 0.25
N LEU A 168 20.27 -2.04 -0.93
CA LEU A 168 19.30 -3.10 -1.15
C LEU A 168 20.01 -4.44 -0.97
N ARG A 169 21.22 -4.53 -1.53
CA ARG A 169 22.04 -5.74 -1.43
C ARG A 169 22.27 -6.02 0.05
N ARG A 170 22.58 -4.98 0.80
CA ARG A 170 22.82 -5.12 2.24
C ARG A 170 21.55 -5.56 2.96
N TYR A 171 20.42 -4.96 2.60
CA TYR A 171 19.16 -5.30 3.24
C TYR A 171 18.76 -6.75 2.97
N LEU A 172 18.85 -7.16 1.70
CA LEU A 172 18.49 -8.53 1.34
C LEU A 172 19.32 -9.55 2.12
N LYS A 173 20.58 -9.21 2.37
CA LYS A 173 21.47 -10.09 3.10
C LYS A 173 21.13 -10.14 4.60
N ASN A 174 21.05 -8.98 5.23
CA ASN A 174 20.74 -8.91 6.65
C ASN A 174 19.31 -9.33 7.02
N GLY A 175 18.38 -9.17 6.09
CA GLY A 175 17.00 -9.54 6.36
C GLY A 175 16.56 -10.81 5.65
N ASN A 176 17.54 -11.52 5.09
CA ASN A 176 17.28 -12.77 4.36
C ASN A 176 16.26 -13.70 5.00
N ALA A 177 16.41 -13.95 6.29
CA ALA A 177 15.52 -14.86 7.01
C ALA A 177 14.06 -14.42 6.95
N THR A 178 13.84 -13.12 6.79
CA THR A 178 12.49 -12.56 6.72
C THR A 178 12.05 -12.27 5.28
N LEU A 179 12.87 -11.49 4.58
CA LEU A 179 12.56 -11.10 3.20
C LEU A 179 12.49 -12.24 2.19
N LEU A 180 13.35 -13.24 2.33
CA LEU A 180 13.36 -14.35 1.37
C LEU A 180 12.73 -15.65 1.91
N ARG A 181 11.97 -15.54 2.99
CA ARG A 181 11.32 -16.68 3.59
C ARG A 181 10.14 -17.10 2.71
N THR A 182 9.49 -18.20 3.09
CA THR A 182 8.32 -18.70 2.38
C THR A 182 7.31 -19.19 3.42
N ASP A 183 6.14 -18.56 3.44
CA ASP A 183 5.06 -18.96 4.35
C ASP A 183 3.97 -19.52 3.46
N PRO A 184 3.63 -20.81 3.63
CA PRO A 184 2.60 -21.42 2.79
C PRO A 184 1.23 -20.81 3.04
N PRO A 185 0.42 -20.72 1.98
CA PRO A 185 -0.94 -20.17 2.13
C PRO A 185 -1.88 -21.22 2.72
N LYS A 186 -2.92 -20.76 3.39
CA LYS A 186 -3.96 -21.65 3.92
C LYS A 186 -5.10 -21.27 3.02
N ALA A 187 -5.94 -22.22 2.62
CA ALA A 187 -7.04 -21.89 1.73
C ALA A 187 -8.35 -22.51 2.21
N HIS A 188 -9.46 -21.85 1.88
CA HIS A 188 -10.78 -22.32 2.26
C HIS A 188 -11.83 -21.87 1.25
N VAL A 189 -12.97 -22.56 1.25
CA VAL A 189 -14.09 -22.21 0.39
C VAL A 189 -15.31 -22.12 1.29
N THR A 190 -16.04 -21.02 1.19
CA THR A 190 -17.17 -20.76 2.06
C THR A 190 -18.45 -20.54 1.26
N HIS A 191 -19.59 -20.88 1.86
CA HIS A 191 -20.82 -21.07 1.11
C HIS A 191 -21.93 -20.18 1.64
N HIS A 192 -22.27 -19.15 0.88
CA HIS A 192 -23.32 -18.21 1.27
C HIS A 192 -24.43 -18.15 0.22
N ARG A 193 -25.66 -18.42 0.66
CA ARG A 193 -26.81 -18.33 -0.21
C ARG A 193 -27.27 -16.88 -0.33
N ARG A 194 -27.41 -16.41 -1.57
CA ARG A 194 -27.83 -15.03 -1.80
C ARG A 194 -29.33 -14.87 -1.72
N PRO A 195 -29.79 -13.63 -1.51
CA PRO A 195 -31.23 -13.34 -1.43
C PRO A 195 -31.92 -13.67 -2.75
N GLU A 196 -31.17 -13.56 -3.85
CA GLU A 196 -31.75 -13.86 -5.16
C GLU A 196 -31.98 -15.34 -5.42
N GLY A 197 -31.61 -16.18 -4.46
CA GLY A 197 -31.83 -17.60 -4.63
C GLY A 197 -30.65 -18.46 -5.03
N ASP A 198 -29.61 -17.85 -5.59
CA ASP A 198 -28.44 -18.62 -5.99
C ASP A 198 -27.36 -18.60 -4.90
N VAL A 199 -26.16 -19.04 -5.24
CA VAL A 199 -25.08 -19.13 -4.25
C VAL A 199 -23.76 -18.45 -4.59
N THR A 200 -23.14 -17.83 -3.58
CA THR A 200 -21.84 -17.18 -3.75
C THR A 200 -20.81 -18.12 -3.12
N LEU A 201 -19.81 -18.51 -3.89
CA LEU A 201 -18.75 -19.37 -3.38
C LEU A 201 -17.52 -18.49 -3.25
N ARG A 202 -16.89 -18.51 -2.10
CA ARG A 202 -15.72 -17.68 -1.87
C ARG A 202 -14.49 -18.53 -1.56
N CYS A 203 -13.43 -18.33 -2.33
CA CYS A 203 -12.18 -19.06 -2.12
C CYS A 203 -11.19 -18.14 -1.42
N TRP A 204 -10.76 -18.56 -0.23
CA TRP A 204 -9.82 -17.80 0.58
C TRP A 204 -8.40 -18.30 0.48
N ALA A 205 -7.46 -17.36 0.54
CA ALA A 205 -6.04 -17.68 0.54
C ALA A 205 -5.47 -16.68 1.54
N LEU A 206 -4.84 -17.19 2.60
CA LEU A 206 -4.27 -16.29 3.60
C LEU A 206 -3.01 -16.84 4.25
N GLY A 207 -2.35 -15.98 5.03
CA GLY A 207 -1.14 -16.36 5.74
C GLY A 207 0.06 -16.69 4.89
N PHE A 208 0.06 -16.25 3.62
CA PHE A 208 1.16 -16.57 2.73
C PHE A 208 2.20 -15.46 2.49
N TYR A 209 3.41 -15.88 2.11
CA TYR A 209 4.51 -14.99 1.79
C TYR A 209 5.48 -15.80 0.92
N PRO A 210 6.00 -15.21 -0.17
CA PRO A 210 5.80 -13.84 -0.69
C PRO A 210 4.37 -13.58 -1.14
N ALA A 211 4.16 -12.36 -1.63
CA ALA A 211 2.86 -11.90 -2.10
C ALA A 211 2.36 -12.59 -3.37
N ASP A 212 3.27 -12.89 -4.29
CA ASP A 212 2.88 -13.52 -5.54
C ASP A 212 2.09 -14.82 -5.34
N ILE A 213 0.91 -14.88 -5.92
CA ILE A 213 0.06 -16.04 -5.80
C ILE A 213 -0.95 -16.11 -6.93
N THR A 214 -1.40 -17.31 -7.25
CA THR A 214 -2.39 -17.51 -8.30
C THR A 214 -3.61 -18.14 -7.64
N LEU A 215 -4.75 -17.48 -7.77
CA LEU A 215 -5.99 -17.94 -7.17
C LEU A 215 -7.06 -17.85 -8.26
N THR A 216 -7.69 -18.97 -8.59
CA THR A 216 -8.71 -18.95 -9.63
C THR A 216 -9.80 -19.98 -9.42
N TRP A 217 -10.96 -19.71 -10.03
CA TRP A 217 -12.09 -20.61 -9.98
C TRP A 217 -12.17 -21.26 -11.36
N GLN A 218 -12.55 -22.53 -11.38
CA GLN A 218 -12.72 -23.25 -12.64
C GLN A 218 -14.13 -23.82 -12.62
N LEU A 219 -14.71 -23.96 -13.81
CA LEU A 219 -16.04 -24.55 -13.95
C LEU A 219 -15.83 -25.70 -14.93
N ASN A 220 -16.12 -26.92 -14.50
CA ASN A 220 -15.92 -28.07 -15.37
C ASN A 220 -14.46 -28.07 -15.86
N GLY A 221 -13.54 -27.76 -14.95
CA GLY A 221 -12.13 -27.75 -15.30
C GLY A 221 -11.66 -26.64 -16.22
N GLU A 222 -12.47 -25.61 -16.43
CA GLU A 222 -12.09 -24.49 -17.28
C GLU A 222 -12.00 -23.22 -16.45
N GLU A 223 -10.86 -22.56 -16.51
CA GLU A 223 -10.62 -21.36 -15.73
C GLU A 223 -11.61 -20.26 -16.10
N LEU A 224 -12.19 -19.67 -15.05
CA LEU A 224 -13.13 -18.57 -15.23
C LEU A 224 -12.30 -17.30 -15.17
N THR A 225 -12.82 -16.22 -15.76
CA THR A 225 -12.10 -14.96 -15.74
C THR A 225 -13.00 -13.85 -15.22
N GLN A 226 -13.65 -13.13 -16.13
CA GLN A 226 -14.52 -12.02 -15.77
C GLN A 226 -15.78 -12.43 -15.00
N GLU A 227 -16.10 -13.72 -15.02
CA GLU A 227 -17.27 -14.20 -14.31
C GLU A 227 -17.04 -14.32 -12.81
N MET A 228 -15.79 -14.23 -12.38
CA MET A 228 -15.49 -14.33 -10.96
C MET A 228 -14.99 -12.97 -10.45
N GLU A 229 -15.08 -12.76 -9.14
CA GLU A 229 -14.61 -11.51 -8.56
C GLU A 229 -13.29 -11.79 -7.84
N LEU A 230 -12.20 -11.33 -8.43
CA LEU A 230 -10.86 -11.54 -7.87
C LEU A 230 -10.28 -10.24 -7.35
N VAL A 231 -10.23 -10.08 -6.03
CA VAL A 231 -9.68 -8.86 -5.46
C VAL A 231 -8.16 -8.93 -5.51
N GLU A 232 -7.50 -7.79 -5.41
CA GLU A 232 -6.05 -7.77 -5.46
C GLU A 232 -5.52 -8.24 -4.13
N THR A 233 -4.34 -8.86 -4.13
CA THR A 233 -3.78 -9.32 -2.88
C THR A 233 -3.26 -8.13 -2.09
N ARG A 234 -3.39 -8.20 -0.77
CA ARG A 234 -2.96 -7.11 0.09
C ARG A 234 -2.36 -7.70 1.36
N PRO A 235 -1.58 -6.90 2.09
CA PRO A 235 -0.96 -7.37 3.33
C PRO A 235 -1.92 -7.60 4.49
N ALA A 236 -1.47 -8.42 5.43
CA ALA A 236 -2.21 -8.72 6.65
C ALA A 236 -1.37 -7.99 7.71
N ARG A 237 -1.79 -8.01 8.96
CA ARG A 237 -1.07 -7.27 9.99
C ARG A 237 0.23 -7.96 10.39
N ASP A 238 0.40 -9.23 10.13
CA ASP A 238 1.60 -9.95 10.53
C ASP A 238 2.65 -10.12 9.45
N GLY A 239 2.62 -9.27 8.43
CA GLY A 239 3.61 -9.38 7.39
C GLY A 239 3.35 -10.40 6.31
N THR A 240 2.19 -11.06 6.34
CA THR A 240 1.86 -12.03 5.31
C THR A 240 0.84 -11.35 4.40
N PHE A 241 0.33 -12.07 3.41
CA PHE A 241 -0.62 -11.48 2.49
C PHE A 241 -1.94 -12.23 2.44
N GLN A 242 -2.93 -11.61 1.81
CA GLN A 242 -4.25 -12.22 1.72
C GLN A 242 -4.93 -11.89 0.40
N LYS A 243 -5.79 -12.79 -0.04
CA LYS A 243 -6.49 -12.60 -1.31
C LYS A 243 -7.71 -13.52 -1.29
N TRP A 244 -8.67 -13.27 -2.18
CA TRP A 244 -9.83 -14.16 -2.26
C TRP A 244 -10.49 -13.95 -3.59
N ALA A 245 -11.32 -14.92 -3.98
CA ALA A 245 -12.04 -14.85 -5.24
C ALA A 245 -13.41 -15.46 -4.99
N SER A 246 -14.43 -14.84 -5.54
CA SER A 246 -15.78 -15.33 -5.36
C SER A 246 -16.48 -15.46 -6.70
N VAL A 247 -17.48 -16.34 -6.74
CA VAL A 247 -18.25 -16.57 -7.94
C VAL A 247 -19.69 -16.89 -7.54
N VAL A 248 -20.65 -16.36 -8.29
CA VAL A 248 -22.04 -16.66 -8.03
C VAL A 248 -22.40 -17.87 -8.90
N VAL A 249 -22.89 -18.93 -8.26
CA VAL A 249 -23.23 -20.15 -8.98
C VAL A 249 -24.67 -20.59 -8.68
N PRO A 250 -25.28 -21.36 -9.59
CA PRO A 250 -26.65 -21.84 -9.40
C PRO A 250 -26.77 -22.74 -8.18
N LEU A 251 -27.86 -22.59 -7.44
CA LEU A 251 -28.09 -23.40 -6.26
C LEU A 251 -28.10 -24.86 -6.72
N GLY A 252 -27.28 -25.69 -6.08
CA GLY A 252 -27.24 -27.09 -6.44
C GLY A 252 -26.17 -27.50 -7.43
N LYS A 253 -25.37 -26.57 -7.91
CA LYS A 253 -24.32 -26.91 -8.86
C LYS A 253 -22.91 -26.50 -8.44
N GLU A 254 -22.63 -26.51 -7.15
CA GLU A 254 -21.30 -26.12 -6.65
C GLU A 254 -20.25 -27.22 -6.76
N GLN A 255 -20.68 -28.47 -6.98
CA GLN A 255 -19.76 -29.59 -7.11
C GLN A 255 -18.93 -29.41 -8.37
N LYS A 256 -19.47 -28.61 -9.28
CA LYS A 256 -18.86 -28.33 -10.57
C LYS A 256 -17.83 -27.21 -10.54
N TYR A 257 -17.81 -26.45 -9.46
CA TYR A 257 -16.87 -25.35 -9.35
C TYR A 257 -15.72 -25.76 -8.45
N THR A 258 -14.52 -25.42 -8.88
CA THR A 258 -13.37 -25.81 -8.09
C THR A 258 -12.40 -24.63 -8.04
N CYS A 259 -11.79 -24.43 -6.88
CA CYS A 259 -10.83 -23.33 -6.71
C CYS A 259 -9.41 -23.84 -6.76
N HIS A 260 -8.55 -23.11 -7.46
CA HIS A 260 -7.16 -23.50 -7.58
C HIS A 260 -6.19 -22.47 -7.03
N VAL A 261 -5.24 -22.95 -6.22
CA VAL A 261 -4.24 -22.09 -5.61
C VAL A 261 -2.82 -22.52 -5.95
N GLU A 262 -2.01 -21.56 -6.41
CA GLU A 262 -0.61 -21.83 -6.73
C GLU A 262 0.26 -20.83 -5.99
N HIS A 263 1.24 -21.33 -5.27
CA HIS A 263 2.14 -20.50 -4.49
C HIS A 263 3.41 -21.28 -4.21
N GLU A 264 4.53 -20.57 -4.16
CA GLU A 264 5.80 -21.23 -3.91
C GLU A 264 5.83 -21.92 -2.54
N GLY A 265 4.83 -21.64 -1.72
CA GLY A 265 4.75 -22.27 -0.40
C GLY A 265 3.97 -23.57 -0.46
N LEU A 266 3.58 -23.97 -1.66
CA LEU A 266 2.85 -25.21 -1.85
C LEU A 266 3.68 -26.12 -2.73
N PRO A 267 3.63 -27.43 -2.48
CA PRO A 267 4.41 -28.39 -3.28
C PRO A 267 3.80 -28.62 -4.66
N GLU A 268 2.51 -28.32 -4.77
CA GLU A 268 1.78 -28.47 -6.02
C GLU A 268 0.51 -27.62 -5.92
N PRO A 269 -0.16 -27.36 -7.05
CA PRO A 269 -1.38 -26.55 -7.01
C PRO A 269 -2.38 -27.18 -6.05
N LEU A 270 -3.11 -26.35 -5.32
CA LEU A 270 -4.10 -26.86 -4.39
C LEU A 270 -5.49 -26.70 -5.01
N THR A 271 -6.28 -27.76 -5.02
CA THR A 271 -7.63 -27.68 -5.57
C THR A 271 -8.63 -27.89 -4.44
N LEU A 272 -9.60 -26.99 -4.33
CA LEU A 272 -10.62 -27.10 -3.28
C LEU A 272 -12.02 -27.00 -3.88
N ARG A 273 -13.01 -27.47 -3.13
CA ARG A 273 -14.40 -27.45 -3.56
C ARG A 273 -15.23 -27.13 -2.34
N TRP A 274 -16.47 -26.71 -2.56
CA TRP A 274 -17.37 -26.39 -1.46
C TRP A 274 -17.45 -27.58 -0.51
N GLY A 275 -17.05 -27.32 0.72
CA GLY A 275 -17.05 -28.31 1.77
C GLY A 275 -16.97 -27.58 3.09
N ILE B 2 -7.94 17.18 -8.31
CA ILE B 2 -8.65 15.89 -8.51
C ILE B 2 -8.86 15.12 -7.19
N GLN B 3 -10.04 14.53 -7.05
CA GLN B 3 -10.38 13.75 -5.86
C GLN B 3 -10.87 12.36 -6.26
N LYS B 4 -10.62 11.39 -5.40
CA LYS B 4 -11.04 10.01 -5.63
C LYS B 4 -11.69 9.44 -4.38
N THR B 5 -12.92 8.95 -4.52
CA THR B 5 -13.63 8.39 -3.38
C THR B 5 -13.02 7.04 -3.01
N PRO B 6 -12.81 6.81 -1.71
CA PRO B 6 -12.24 5.56 -1.23
C PRO B 6 -13.10 4.31 -1.43
N GLN B 7 -12.45 3.21 -1.78
CA GLN B 7 -13.14 1.94 -1.94
C GLN B 7 -12.87 1.22 -0.63
N ILE B 8 -13.93 0.77 0.03
CA ILE B 8 -13.80 0.13 1.33
C ILE B 8 -14.13 -1.37 1.33
N GLN B 9 -13.22 -2.14 1.90
CA GLN B 9 -13.42 -3.58 2.00
C GLN B 9 -13.27 -4.00 3.45
N VAL B 10 -14.26 -4.71 3.95
CA VAL B 10 -14.30 -5.20 5.31
C VAL B 10 -14.40 -6.72 5.23
N TYR B 11 -13.45 -7.40 5.86
CA TYR B 11 -13.38 -8.86 5.82
C TYR B 11 -12.54 -9.37 6.97
N SER B 12 -12.70 -10.65 7.29
CA SER B 12 -11.94 -11.27 8.36
C SER B 12 -10.72 -11.96 7.75
N ARG B 13 -9.72 -12.27 8.59
CA ARG B 13 -8.51 -12.93 8.08
C ARG B 13 -8.86 -14.29 7.50
N HIS B 14 -9.65 -15.06 8.25
CA HIS B 14 -10.04 -16.38 7.82
C HIS B 14 -11.54 -16.57 8.07
N PRO B 15 -12.14 -17.63 7.49
CA PRO B 15 -13.58 -17.89 7.67
C PRO B 15 -14.01 -17.75 9.12
N PRO B 16 -15.00 -16.90 9.39
CA PRO B 16 -15.45 -16.71 10.77
C PRO B 16 -16.11 -17.94 11.37
N GLU B 17 -15.77 -18.21 12.62
CA GLU B 17 -16.31 -19.33 13.38
C GLU B 17 -16.56 -18.82 14.81
N ASN B 18 -17.75 -19.05 15.35
CA ASN B 18 -18.06 -18.58 16.70
C ASN B 18 -17.06 -19.11 17.74
N GLY B 19 -16.63 -18.25 18.64
CA GLY B 19 -15.70 -18.65 19.68
C GLY B 19 -14.26 -18.87 19.24
N LYS B 20 -13.95 -18.61 17.98
CA LYS B 20 -12.59 -18.80 17.49
C LYS B 20 -12.03 -17.43 17.09
N PRO B 21 -10.92 -17.01 17.73
CA PRO B 21 -10.32 -15.72 17.42
C PRO B 21 -10.01 -15.53 15.94
N ASN B 22 -10.07 -14.29 15.50
CA ASN B 22 -9.86 -13.94 14.09
C ASN B 22 -9.36 -12.50 14.07
N ILE B 23 -9.20 -11.95 12.88
CA ILE B 23 -8.75 -10.58 12.70
C ILE B 23 -9.72 -9.92 11.72
N LEU B 24 -10.29 -8.80 12.10
CA LEU B 24 -11.21 -8.08 11.21
C LEU B 24 -10.41 -7.00 10.50
N ASN B 25 -10.61 -6.89 9.19
CA ASN B 25 -9.90 -5.93 8.37
C ASN B 25 -10.81 -4.92 7.67
N CYS B 26 -10.33 -3.70 7.56
CA CYS B 26 -11.02 -2.65 6.83
C CYS B 26 -9.93 -2.08 5.94
N TYR B 27 -9.96 -2.48 4.66
CA TYR B 27 -8.97 -2.06 3.69
C TYR B 27 -9.53 -0.93 2.83
N VAL B 28 -8.99 0.27 3.02
CA VAL B 28 -9.44 1.46 2.30
C VAL B 28 -8.39 1.87 1.28
N THR B 29 -8.81 1.94 0.02
CA THR B 29 -7.90 2.25 -1.09
C THR B 29 -8.48 3.26 -2.09
N GLN B 30 -7.66 3.57 -3.10
CA GLN B 30 -8.05 4.46 -4.19
C GLN B 30 -8.57 5.83 -3.79
N PHE B 31 -8.11 6.39 -2.69
CA PHE B 31 -8.63 7.69 -2.31
C PHE B 31 -7.61 8.83 -2.44
N HIS B 32 -8.14 10.04 -2.56
CA HIS B 32 -7.33 11.25 -2.68
C HIS B 32 -8.28 12.42 -2.46
N PRO B 33 -7.87 13.42 -1.67
CA PRO B 33 -6.58 13.54 -0.97
C PRO B 33 -6.36 12.50 0.13
N PRO B 34 -5.12 12.40 0.65
CA PRO B 34 -4.73 11.46 1.69
C PRO B 34 -5.40 11.60 3.05
N HIS B 35 -5.88 12.80 3.39
CA HIS B 35 -6.54 12.99 4.67
C HIS B 35 -7.78 12.12 4.77
N ILE B 36 -7.84 11.27 5.80
CA ILE B 36 -8.99 10.39 5.94
C ILE B 36 -9.18 9.94 7.38
N GLU B 37 -10.40 9.56 7.72
CA GLU B 37 -10.70 9.06 9.05
C GLU B 37 -11.39 7.70 8.91
N ILE B 38 -10.84 6.70 9.58
CA ILE B 38 -11.38 5.35 9.52
C ILE B 38 -11.74 4.86 10.91
N GLN B 39 -12.99 4.43 11.08
CA GLN B 39 -13.45 3.92 12.37
C GLN B 39 -14.07 2.54 12.27
N MET B 40 -13.51 1.60 13.00
CA MET B 40 -14.03 0.26 13.03
C MET B 40 -15.01 0.24 14.20
N LEU B 41 -16.21 -0.25 13.95
CA LEU B 41 -17.25 -0.28 14.97
C LEU B 41 -17.76 -1.68 15.28
N LYS B 42 -18.18 -1.86 16.53
CA LYS B 42 -18.75 -3.12 16.99
C LYS B 42 -20.12 -2.76 17.60
N ASN B 43 -21.18 -3.27 17.00
CA ASN B 43 -22.54 -2.99 17.46
C ASN B 43 -22.80 -1.48 17.56
N GLY B 44 -22.33 -0.74 16.55
CA GLY B 44 -22.52 0.70 16.54
C GLY B 44 -21.62 1.48 17.47
N LYS B 45 -20.69 0.80 18.11
CA LYS B 45 -19.76 1.45 19.04
C LYS B 45 -18.32 1.27 18.60
N LYS B 46 -17.55 2.35 18.71
CA LYS B 46 -16.15 2.33 18.31
C LYS B 46 -15.34 1.29 19.06
N ILE B 47 -14.48 0.59 18.32
CA ILE B 47 -13.59 -0.41 18.89
C ILE B 47 -12.32 0.34 19.28
N PRO B 48 -11.92 0.27 20.56
CA PRO B 48 -10.72 0.94 21.09
C PRO B 48 -9.43 0.47 20.43
N LYS B 49 -9.14 -0.81 20.58
CA LYS B 49 -7.93 -1.39 20.03
C LYS B 49 -7.98 -1.67 18.53
N VAL B 50 -7.67 -0.63 17.75
CA VAL B 50 -7.65 -0.75 16.30
C VAL B 50 -6.30 -0.23 15.84
N GLU B 51 -5.55 -1.04 15.11
CA GLU B 51 -4.26 -0.63 14.60
C GLU B 51 -4.40 -0.36 13.12
N MET B 52 -3.56 0.53 12.61
CA MET B 52 -3.60 0.85 11.19
C MET B 52 -2.19 0.85 10.64
N SER B 53 -2.06 0.36 9.41
CA SER B 53 -0.78 0.32 8.74
C SER B 53 -0.42 1.76 8.36
N ASP B 54 0.85 2.00 8.08
CA ASP B 54 1.27 3.34 7.68
C ASP B 54 0.76 3.55 6.25
N MET B 55 0.09 4.66 6.03
CA MET B 55 -0.49 4.95 4.72
C MET B 55 0.55 5.03 3.61
N SER B 56 0.20 4.48 2.45
CA SER B 56 1.10 4.53 1.30
C SER B 56 0.24 4.74 0.07
N PHE B 57 0.84 4.66 -1.12
CA PHE B 57 0.06 4.87 -2.33
C PHE B 57 0.48 3.93 -3.47
N SER B 58 -0.38 3.85 -4.49
CA SER B 58 -0.14 2.98 -5.63
C SER B 58 0.48 3.69 -6.82
N LYS B 59 0.59 2.96 -7.93
CA LYS B 59 1.16 3.48 -9.16
C LYS B 59 0.39 4.70 -9.66
N ASP B 60 -0.94 4.64 -9.55
CA ASP B 60 -1.79 5.74 -9.99
C ASP B 60 -1.79 6.87 -8.99
N TRP B 61 -0.94 6.77 -7.96
CA TRP B 61 -0.81 7.78 -6.91
C TRP B 61 -1.91 7.80 -5.85
N SER B 62 -2.94 6.96 -6.01
CA SER B 62 -4.03 6.90 -5.04
C SER B 62 -3.53 6.17 -3.79
N PHE B 63 -3.95 6.66 -2.62
CA PHE B 63 -3.53 6.09 -1.35
C PHE B 63 -4.30 4.85 -0.91
N TYR B 64 -3.80 4.23 0.15
CA TYR B 64 -4.43 3.05 0.69
C TYR B 64 -3.93 2.85 2.11
N ILE B 65 -4.77 2.23 2.93
CA ILE B 65 -4.41 1.98 4.31
C ILE B 65 -5.26 0.83 4.83
N LEU B 66 -4.71 0.10 5.78
CA LEU B 66 -5.38 -1.03 6.37
C LEU B 66 -5.58 -0.80 7.86
N ALA B 67 -6.81 -1.05 8.32
CA ALA B 67 -7.17 -0.94 9.72
C ALA B 67 -7.48 -2.37 10.13
N HIS B 68 -7.05 -2.78 11.31
CA HIS B 68 -7.29 -4.14 11.74
C HIS B 68 -7.39 -4.26 13.25
N THR B 69 -8.12 -5.26 13.71
CA THR B 69 -8.33 -5.50 15.13
C THR B 69 -8.68 -6.97 15.36
N GLU B 70 -8.27 -7.50 16.51
CA GLU B 70 -8.55 -8.89 16.85
C GLU B 70 -9.96 -9.01 17.38
N PHE B 71 -10.66 -10.06 16.95
CA PHE B 71 -12.02 -10.26 17.43
C PHE B 71 -12.40 -11.73 17.38
N THR B 72 -13.42 -12.08 18.11
CA THR B 72 -13.90 -13.45 18.10
C THR B 72 -15.31 -13.37 17.57
N PRO B 73 -15.54 -13.89 16.35
CA PRO B 73 -16.84 -13.91 15.68
C PRO B 73 -17.94 -14.40 16.59
N THR B 74 -19.06 -13.70 16.53
CA THR B 74 -20.24 -14.02 17.30
C THR B 74 -21.40 -14.14 16.33
N GLU B 75 -22.44 -14.86 16.72
CA GLU B 75 -23.58 -15.04 15.85
C GLU B 75 -24.35 -13.74 15.59
N THR B 76 -24.43 -12.87 16.60
CA THR B 76 -25.20 -11.63 16.49
C THR B 76 -24.47 -10.28 16.54
N ASP B 77 -23.20 -10.24 16.87
CA ASP B 77 -22.51 -8.94 16.90
C ASP B 77 -22.37 -8.40 15.48
N THR B 78 -22.57 -7.10 15.32
CA THR B 78 -22.44 -6.47 14.01
C THR B 78 -21.17 -5.61 13.96
N TYR B 79 -20.38 -5.80 12.92
CA TYR B 79 -19.15 -5.02 12.75
C TYR B 79 -19.29 -4.15 11.51
N ALA B 80 -18.65 -2.98 11.54
CA ALA B 80 -18.70 -2.06 10.41
C ALA B 80 -17.48 -1.16 10.38
N CYS B 81 -17.26 -0.55 9.23
CA CYS B 81 -16.16 0.38 9.05
C CYS B 81 -16.73 1.67 8.49
N ARG B 82 -16.65 2.72 9.29
CA ARG B 82 -17.14 4.02 8.90
C ARG B 82 -15.96 4.90 8.47
N VAL B 83 -16.07 5.45 7.28
CA VAL B 83 -15.01 6.28 6.71
C VAL B 83 -15.50 7.68 6.36
N LYS B 84 -14.69 8.67 6.70
CA LYS B 84 -15.01 10.06 6.39
C LYS B 84 -13.87 10.56 5.52
N HIS B 85 -14.23 11.18 4.40
CA HIS B 85 -13.24 11.69 3.45
C HIS B 85 -13.81 12.89 2.72
N ALA B 86 -12.93 13.78 2.27
CA ALA B 86 -13.36 14.98 1.56
C ALA B 86 -14.19 14.65 0.30
N SER B 87 -13.95 13.50 -0.29
CA SER B 87 -14.68 13.10 -1.49
C SER B 87 -16.16 12.79 -1.24
N MET B 88 -16.53 12.59 0.02
CA MET B 88 -17.92 12.26 0.37
C MET B 88 -18.57 13.28 1.29
N ALA B 89 -19.76 13.74 0.92
CA ALA B 89 -20.50 14.73 1.70
C ALA B 89 -20.68 14.26 3.14
N GLU B 90 -21.04 12.99 3.31
CA GLU B 90 -21.23 12.42 4.64
C GLU B 90 -20.42 11.12 4.76
N PRO B 91 -20.13 10.69 6.01
CA PRO B 91 -19.36 9.47 6.26
C PRO B 91 -19.94 8.26 5.54
N LYS B 92 -19.09 7.31 5.19
CA LYS B 92 -19.52 6.10 4.50
C LYS B 92 -19.32 4.88 5.42
N THR B 93 -20.40 4.14 5.66
CA THR B 93 -20.33 2.95 6.50
C THR B 93 -20.50 1.69 5.70
N VAL B 94 -19.62 0.72 5.94
CA VAL B 94 -19.67 -0.54 5.24
C VAL B 94 -19.72 -1.63 6.30
N TYR B 95 -20.78 -2.44 6.24
CA TYR B 95 -20.98 -3.52 7.20
C TYR B 95 -20.28 -4.80 6.79
N TRP B 96 -19.71 -5.49 7.78
CA TRP B 96 -19.04 -6.76 7.55
C TRP B 96 -20.11 -7.83 7.36
N ASP B 97 -19.92 -8.65 6.34
CA ASP B 97 -20.87 -9.73 6.07
C ASP B 97 -20.40 -10.98 6.79
N ARG B 98 -20.94 -11.18 7.98
CA ARG B 98 -20.61 -12.33 8.81
C ARG B 98 -20.75 -13.65 8.07
N ASP B 99 -21.60 -13.69 7.05
CA ASP B 99 -21.80 -14.92 6.29
C ASP B 99 -20.92 -15.06 5.06
N MET B 100 -19.91 -14.21 4.92
CA MET B 100 -19.02 -14.28 3.77
C MET B 100 -18.35 -15.66 3.68
N ILE C 1 19.29 2.78 2.23
CA ILE C 1 18.84 4.11 2.76
C ILE C 1 17.98 4.85 1.73
N GLY C 2 17.22 5.83 2.22
CA GLY C 2 16.34 6.58 1.35
C GLY C 2 16.98 7.65 0.48
N PRO C 3 16.19 8.22 -0.45
CA PRO C 3 16.63 9.27 -1.38
C PRO C 3 16.65 10.66 -0.73
N GLY C 4 17.48 11.54 -1.27
CA GLY C 4 17.58 12.88 -0.75
C GLY C 4 17.19 13.92 -1.78
N ARG C 5 16.34 14.86 -1.39
CA ARG C 5 15.91 15.92 -2.31
C ARG C 5 17.07 16.88 -2.54
N ALA C 6 18.07 16.83 -1.66
CA ALA C 6 19.22 17.72 -1.76
C ALA C 6 18.69 19.16 -1.80
N PHE C 7 19.10 19.93 -2.78
CA PHE C 7 18.66 21.32 -2.89
C PHE C 7 17.94 21.58 -4.21
N TYR C 8 17.49 20.50 -4.86
CA TYR C 8 16.78 20.62 -6.12
C TYR C 8 15.27 20.72 -5.88
N THR C 9 14.81 21.94 -5.64
CA THR C 9 13.40 22.21 -5.40
C THR C 9 12.70 22.36 -6.74
N ILE C 10 11.38 22.21 -6.76
CA ILE C 10 10.64 22.32 -8.01
C ILE C 10 10.55 23.77 -8.52
#